data_7SDV
#
_entry.id   7SDV
#
_cell.length_a   105.128
_cell.length_b   105.128
_cell.length_c   91.029
_cell.angle_alpha   90.000
_cell.angle_beta   90.000
_cell.angle_gamma   120.000
#
_symmetry.space_group_name_H-M   'H 3'
#
loop_
_entity.id
_entity.type
_entity.pdbx_description
1 polymer "DNA (5'-D(*GP*AP*GP*CP*AP*GP*CP*CP*TP*GP*TP*TP*TP*GP*GP*AP*CP*AP*TP*CP*A)-3')"
2 polymer "DNA (5'-D(P*CP*CP*AP*(5CM)P*AP*CP*A)-3')"
3 polymer "DNA (5'-D(P*GP*GP*CP*TP*GP*CP*T)-3')"
4 polymer "DNA (5'-D(P*CP*TP*GP*AP*TP*GP*T)-3')"
5 non-polymer 'SILVER ION'
#
loop_
_entity_poly.entity_id
_entity_poly.type
_entity_poly.pdbx_seq_one_letter_code
_entity_poly.pdbx_strand_id
1 'polydeoxyribonucleotide'
;(DG)(DA)(DG)(DC)(DA)(DG)(DC)(DC)(DT)(DG)(DT)(DT)(DT)(DG)(DG)(DA)(DC)(DA)(DT)(DC)
(DA)
;
A
2 'polydeoxyribonucleotide' (DC)(DC)(DA)(5CM)(DA)(DC)(DA) B
3 'polydeoxyribonucleotide' (DG)(DG)(DC)(DT)(DG)(DC)(DT) C
4 'polydeoxyribonucleotide' (DC)(DT)(DG)(DA)(DT)(DG)(DT) D
#
loop_
_chem_comp.id
_chem_comp.type
_chem_comp.name
_chem_comp.formula
5CM DNA linking 5-METHYL-2'-DEOXY-CYTIDINE-5'-MONOPHOSPHATE 'C10 H16 N3 O7 P'
AG non-polymer 'SILVER ION' 'Ag 1'
DA DNA linking 2'-DEOXYADENOSINE-5'-MONOPHOSPHATE 'C10 H14 N5 O6 P'
DC DNA linking 2'-DEOXYCYTIDINE-5'-MONOPHOSPHATE 'C9 H14 N3 O7 P'
DG DNA linking 2'-DEOXYGUANOSINE-5'-MONOPHOSPHATE 'C10 H14 N5 O7 P'
DT DNA linking THYMIDINE-5'-MONOPHOSPHATE 'C10 H15 N2 O8 P'
#
# COMPACT_ATOMS: atom_id res chain seq x y z
N1 5CM B 4 1.23 0.90 -0.23
C2 5CM B 4 2.24 1.95 -0.54
N3 5CM B 4 3.69 1.57 -0.65
C4 5CM B 4 4.06 0.20 -0.45
C5 5CM B 4 3.06 -0.85 -0.14
C5A 5CM B 4 3.53 -2.32 0.07
C6 5CM B 4 1.62 -0.48 -0.03
O2 5CM B 4 1.93 3.06 -0.70
N4 5CM B 4 5.46 -0.19 -0.57
C1' 5CM B 4 -0.14 1.27 -0.10
C2' 5CM B 4 -0.66 1.54 -1.29
C3' 5CM B 4 -1.85 0.62 -1.43
C4' 5CM B 4 -2.19 0.23 0.05
O4' 5CM B 4 -1.01 0.04 0.53
O3' 5CM B 4 -2.85 1.30 -2.00
C5' 5CM B 4 -3.09 -1.03 0.14
O5' 5CM B 4 -4.28 -0.70 0.76
P 5CM B 4 -4.93 -1.69 1.86
OP1 5CM B 4 -6.41 -1.43 2.02
OP2 5CM B 4 -4.70 -3.13 1.51
AG AG E . 5.29 -0.86 1.18
#